data_4N13
#
_entry.id   4N13
#
_cell.length_a   32.307
_cell.length_b   84.558
_cell.length_c   42.947
_cell.angle_alpha   90.000
_cell.angle_beta   105.570
_cell.angle_gamma   90.000
#
_symmetry.space_group_name_H-M   'P 1 21 1'
#
loop_
_entity.id
_entity.type
_entity.pdbx_description
1 polymer 'Phosphate ABC transporter, periplasmic phosphate-binding protein'
2 non-polymer 'SULFATE ION'
3 non-polymer 1,2-ETHANEDIOL
4 water water
#
_entity_poly.entity_id   1
_entity_poly.type   'polypeptide(L)'
_entity_poly.pdbx_seq_one_letter_code
;GAMGSKNQDNEKIVSIGGSTTVSPILDEMILRYDKINNNTKVTYDAQGSSVGINGLFNKIYKIAISSRDLTKEEIEQGAK
ETVFAYDALIFITSPEIKITNITEENLAKILNGEIQNWKQVGGPDAKINFINRDSSSGSYSSIKDLLLNKIFKTHEEAQF
RQDGIVVKSNGEVIEKTSLTPHSIGYIGLGYAKNSIEKGLNILSVNSTYPTKETINSNKYTIKRNLIIVTNNKYEDKSVT
QFIDFMTSSTGQDIVEEQGFLGIKT
;
_entity_poly.pdbx_strand_id   A
#
loop_
_chem_comp.id
_chem_comp.type
_chem_comp.name
_chem_comp.formula
EDO non-polymer 1,2-ETHANEDIOL 'C2 H6 O2'
SO4 non-polymer 'SULFATE ION' 'O4 S -2'
#
# COMPACT_ATOMS: atom_id res chain seq x y z
N GLU A 11 7.84 19.63 -29.85
CA GLU A 11 7.26 18.66 -28.89
C GLU A 11 7.97 18.75 -27.53
N LYS A 12 7.20 18.66 -26.45
CA LYS A 12 7.77 18.65 -25.12
C LYS A 12 7.98 17.22 -24.65
N ILE A 13 8.94 17.01 -23.76
CA ILE A 13 9.25 15.69 -23.25
C ILE A 13 9.19 15.67 -21.73
N VAL A 14 8.44 14.73 -21.18
CA VAL A 14 8.35 14.55 -19.75
C VAL A 14 8.70 13.11 -19.42
N SER A 15 9.94 12.91 -18.96
CA SER A 15 10.42 11.58 -18.59
C SER A 15 10.12 11.34 -17.09
N ILE A 16 9.42 10.26 -16.80
CA ILE A 16 9.00 9.93 -15.44
C ILE A 16 9.64 8.59 -15.05
N GLY A 17 10.01 8.47 -13.79
CA GLY A 17 10.56 7.22 -13.27
C GLY A 17 9.98 6.94 -11.91
N GLY A 18 10.14 5.71 -11.41
CA GLY A 18 9.72 5.42 -10.07
C GLY A 18 9.25 3.99 -9.83
N SER A 19 8.32 3.89 -8.89
CA SER A 19 7.84 2.61 -8.39
C SER A 19 7.40 1.66 -9.49
N THR A 20 7.74 0.37 -9.34
CA THR A 20 7.27 -0.63 -10.28
C THR A 20 5.78 -0.93 -10.12
N THR A 21 5.26 -0.69 -8.92
CA THR A 21 3.92 -1.12 -8.59
C THR A 21 2.84 -0.40 -9.40
N VAL A 22 3.19 0.73 -10.00
N VAL A 22 3.20 0.73 -9.99
CA VAL A 22 2.19 1.55 -10.70
CA VAL A 22 2.21 1.57 -10.67
C VAL A 22 2.42 1.66 -12.19
C VAL A 22 2.49 1.74 -12.16
N SER A 23 3.32 0.85 -12.73
N SER A 23 3.28 0.82 -12.73
CA SER A 23 3.58 0.91 -14.17
CA SER A 23 3.63 0.92 -14.14
C SER A 23 2.34 0.91 -15.07
C SER A 23 2.42 0.98 -15.07
N PRO A 24 1.42 -0.04 -14.92
N PRO A 24 1.46 0.04 -14.90
CA PRO A 24 0.30 -0.01 -15.88
CA PRO A 24 0.33 0.00 -15.83
C PRO A 24 -0.66 1.17 -15.67
C PRO A 24 -0.59 1.22 -15.68
N ILE A 25 -0.70 1.74 -14.47
CA ILE A 25 -1.45 2.97 -14.23
C ILE A 25 -0.80 4.12 -14.97
N LEU A 26 0.51 4.30 -14.76
CA LEU A 26 1.19 5.40 -15.46
C LEU A 26 1.09 5.21 -16.97
N ASP A 27 1.24 3.98 -17.45
CA ASP A 27 1.18 3.72 -18.88
C ASP A 27 -0.17 4.08 -19.46
N GLU A 28 -1.23 3.70 -18.76
CA GLU A 28 -2.56 4.07 -19.25
C GLU A 28 -2.77 5.58 -19.18
N MET A 29 -2.29 6.21 -18.10
CA MET A 29 -2.38 7.65 -17.99
C MET A 29 -1.69 8.34 -19.15
N ILE A 30 -0.50 7.85 -19.52
CA ILE A 30 0.22 8.40 -20.65
C ILE A 30 -0.60 8.31 -21.93
N LEU A 31 -1.15 7.14 -22.18
CA LEU A 31 -1.85 6.97 -23.45
C LEU A 31 -3.17 7.73 -23.47
N ARG A 32 -3.84 7.83 -22.34
CA ARG A 32 -5.07 8.60 -22.31
C ARG A 32 -4.82 10.11 -22.32
N TYR A 33 -3.76 10.56 -21.67
CA TYR A 33 -3.43 11.99 -21.74
C TYR A 33 -3.09 12.37 -23.19
N ASP A 34 -2.50 11.46 -23.94
CA ASP A 34 -2.15 11.73 -25.33
C ASP A 34 -3.38 12.05 -26.17
N LYS A 35 -4.56 11.55 -25.78
CA LYS A 35 -5.81 11.89 -26.48
C LYS A 35 -6.16 13.37 -26.29
N ILE A 36 -5.75 13.95 -25.17
CA ILE A 36 -6.00 15.35 -24.86
C ILE A 36 -4.92 16.27 -25.43
N ASN A 37 -3.67 15.87 -25.26
CA ASN A 37 -2.54 16.70 -25.66
C ASN A 37 -1.49 15.85 -26.31
N ASN A 38 -1.44 15.83 -27.63
CA ASN A 38 -0.45 15.00 -28.32
C ASN A 38 0.85 15.74 -28.59
N ASN A 39 1.01 16.90 -27.97
CA ASN A 39 2.24 17.69 -28.13
C ASN A 39 3.26 17.46 -27.02
N THR A 40 2.96 16.58 -26.08
CA THR A 40 3.93 16.16 -25.07
C THR A 40 4.16 14.68 -25.19
N LYS A 41 5.43 14.29 -25.15
CA LYS A 41 5.83 12.90 -25.08
C LYS A 41 6.14 12.60 -23.63
N VAL A 42 5.38 11.69 -23.05
CA VAL A 42 5.57 11.27 -21.66
C VAL A 42 5.97 9.81 -21.65
N THR A 43 6.97 9.46 -20.84
CA THR A 43 7.39 8.07 -20.71
C THR A 43 7.50 7.72 -19.23
N TYR A 44 7.38 6.43 -18.92
CA TYR A 44 7.55 5.92 -17.56
C TYR A 44 8.55 4.78 -17.54
N ASP A 45 9.60 4.92 -16.73
CA ASP A 45 10.60 3.87 -16.58
C ASP A 45 10.60 3.48 -15.12
N ALA A 46 10.20 2.24 -14.85
N ALA A 46 10.23 2.24 -14.83
CA ALA A 46 10.06 1.77 -13.49
CA ALA A 46 9.97 1.82 -13.47
C ALA A 46 11.32 1.03 -13.06
C ALA A 46 11.06 0.91 -12.90
N GLN A 47 12.06 1.61 -12.12
N GLN A 47 12.08 1.52 -12.30
CA GLN A 47 13.20 0.93 -11.52
CA GLN A 47 13.14 0.77 -11.63
C GLN A 47 13.02 0.78 -10.02
C GLN A 47 13.10 0.92 -10.11
N GLY A 48 12.08 1.55 -9.47
N GLY A 48 12.04 1.53 -9.57
CA GLY A 48 11.90 1.62 -8.04
CA GLY A 48 11.88 1.67 -8.13
C GLY A 48 11.78 3.08 -7.60
C GLY A 48 11.75 3.10 -7.63
N SER A 49 11.14 3.28 -6.45
CA SER A 49 10.91 4.62 -5.92
C SER A 49 12.21 5.39 -5.70
N SER A 50 13.16 4.77 -5.02
CA SER A 50 14.40 5.48 -4.69
C SER A 50 15.18 5.83 -5.96
N VAL A 51 15.22 4.90 -6.91
CA VAL A 51 15.89 5.18 -8.18
C VAL A 51 15.20 6.34 -8.91
N GLY A 52 13.87 6.35 -8.91
CA GLY A 52 13.15 7.45 -9.51
C GLY A 52 13.50 8.79 -8.91
N ILE A 53 13.49 8.87 -7.58
CA ILE A 53 13.84 10.15 -6.93
C ILE A 53 15.29 10.52 -7.25
N ASN A 54 16.20 9.55 -7.19
CA ASN A 54 17.61 9.85 -7.54
C ASN A 54 17.70 10.35 -8.97
N GLY A 55 16.95 9.74 -9.88
CA GLY A 55 16.96 10.17 -11.27
C GLY A 55 16.39 11.57 -11.44
N LEU A 56 15.37 11.90 -10.66
CA LEU A 56 14.84 13.26 -10.62
C LEU A 56 15.92 14.28 -10.22
N PHE A 57 16.64 14.01 -9.14
CA PHE A 57 17.66 14.94 -8.69
C PHE A 57 18.80 15.08 -9.68
N ASN A 58 19.05 14.02 -10.47
CA ASN A 58 20.10 14.04 -11.45
C ASN A 58 19.60 14.41 -12.86
N LYS A 59 18.37 14.93 -12.94
CA LYS A 59 17.83 15.49 -14.19
C LYS A 59 17.62 14.44 -15.27
N ILE A 60 17.54 13.18 -14.87
CA ILE A 60 17.14 12.12 -15.78
C ILE A 60 15.62 12.06 -15.94
N TYR A 61 14.90 12.34 -14.85
CA TYR A 61 13.44 12.41 -14.86
C TYR A 61 13.01 13.81 -14.45
N LYS A 62 11.86 14.26 -14.96
CA LYS A 62 11.21 15.48 -14.47
C LYS A 62 10.18 15.21 -13.37
N ILE A 63 9.73 13.97 -13.27
CA ILE A 63 8.79 13.57 -12.22
C ILE A 63 9.25 12.21 -11.73
N ALA A 64 9.18 11.98 -10.43
CA ALA A 64 9.35 10.63 -9.85
C ALA A 64 8.05 10.21 -9.20
N ILE A 65 7.76 8.92 -9.29
CA ILE A 65 6.60 8.36 -8.61
C ILE A 65 7.11 7.43 -7.51
N SER A 66 6.71 7.71 -6.25
CA SER A 66 7.21 6.95 -5.12
C SER A 66 6.10 6.33 -4.31
N SER A 67 6.36 5.11 -3.82
N SER A 67 6.36 5.13 -3.79
CA SER A 67 5.48 4.44 -2.88
CA SER A 67 5.48 4.48 -2.81
C SER A 67 5.96 4.57 -1.44
C SER A 67 5.96 4.69 -1.39
N ARG A 68 7.00 5.36 -1.22
N ARG A 68 7.13 5.29 -1.25
CA ARG A 68 7.52 5.59 0.12
CA ARG A 68 7.78 5.50 0.05
C ARG A 68 7.65 7.07 0.40
C ARG A 68 7.71 6.96 0.45
N ASP A 69 7.58 7.41 1.68
N ASP A 69 7.92 7.22 1.73
CA ASP A 69 7.67 8.80 2.09
CA ASP A 69 7.94 8.58 2.23
C ASP A 69 9.06 9.37 1.89
C ASP A 69 9.17 9.32 1.71
N LEU A 70 9.07 10.63 1.50
CA LEU A 70 10.29 11.40 1.29
C LEU A 70 11.05 11.55 2.59
N THR A 71 12.36 11.63 2.48
CA THR A 71 13.21 11.89 3.63
C THR A 71 13.44 13.38 3.80
N LYS A 72 13.94 13.78 4.96
CA LYS A 72 14.32 15.17 5.17
C LYS A 72 15.38 15.62 4.17
N GLU A 73 16.35 14.76 3.87
CA GLU A 73 17.39 15.09 2.90
C GLU A 73 16.75 15.40 1.55
N GLU A 74 15.76 14.61 1.16
CA GLU A 74 15.12 14.83 -0.13
C GLU A 74 14.38 16.17 -0.13
N ILE A 75 13.69 16.47 0.96
CA ILE A 75 13.03 17.77 1.09
C ILE A 75 14.06 18.91 1.01
N GLU A 76 15.20 18.74 1.67
CA GLU A 76 16.22 19.76 1.66
C GLU A 76 16.79 19.99 0.26
N GLN A 77 16.75 18.96 -0.59
CA GLN A 77 17.20 19.08 -1.97
C GLN A 77 16.10 19.61 -2.88
N GLY A 78 14.97 19.97 -2.31
CA GLY A 78 13.92 20.65 -3.07
C GLY A 78 12.74 19.79 -3.45
N ALA A 79 12.69 18.54 -2.99
CA ALA A 79 11.61 17.65 -3.41
C ALA A 79 10.29 18.14 -2.85
N LYS A 80 9.26 17.99 -3.67
CA LYS A 80 7.89 18.31 -3.28
C LYS A 80 7.01 17.16 -3.73
N GLU A 81 5.96 16.87 -2.97
CA GLU A 81 5.11 15.75 -3.30
C GLU A 81 3.62 16.05 -3.24
N THR A 82 2.87 15.30 -4.03
CA THR A 82 1.42 15.32 -4.04
C THR A 82 0.96 13.88 -4.12
N VAL A 83 0.06 13.48 -3.24
CA VAL A 83 -0.48 12.11 -3.26
C VAL A 83 -1.47 11.97 -4.42
N PHE A 84 -1.44 10.82 -5.10
CA PHE A 84 -2.41 10.56 -6.17
C PHE A 84 -3.07 9.19 -6.09
N ALA A 85 -2.64 8.33 -5.16
CA ALA A 85 -3.23 7.01 -5.01
C ALA A 85 -2.81 6.41 -3.71
N TYR A 86 -3.52 5.36 -3.29
CA TYR A 86 -3.20 4.64 -2.06
C TYR A 86 -3.18 3.14 -2.32
N ASP A 87 -2.22 2.47 -1.68
CA ASP A 87 -2.08 1.03 -1.70
C ASP A 87 -2.28 0.58 -0.26
N ALA A 88 -3.52 0.26 0.07
CA ALA A 88 -3.91 -0.08 1.44
C ALA A 88 -3.99 -1.57 1.68
N LEU A 89 -3.69 -1.96 2.91
CA LEU A 89 -3.82 -3.37 3.33
C LEU A 89 -4.73 -3.43 4.54
N ILE A 90 -5.40 -4.57 4.65
CA ILE A 90 -6.36 -4.81 5.72
C ILE A 90 -6.06 -6.15 6.36
N PHE A 91 -6.46 -6.27 7.62
CA PHE A 91 -6.24 -7.48 8.39
C PHE A 91 -7.56 -8.24 8.56
N ILE A 92 -7.50 -9.52 8.26
CA ILE A 92 -8.66 -10.40 8.32
C ILE A 92 -8.40 -11.51 9.34
N THR A 93 -9.47 -11.94 9.99
CA THR A 93 -9.36 -13.02 10.95
C THR A 93 -10.42 -14.06 10.71
N SER A 94 -10.20 -15.23 11.28
CA SER A 94 -11.26 -16.22 11.32
C SER A 94 -12.43 -15.71 12.19
N PRO A 95 -13.65 -16.19 11.91
CA PRO A 95 -14.79 -15.51 12.50
C PRO A 95 -15.12 -15.86 13.95
N GLU A 96 -14.41 -16.81 14.53
N GLU A 96 -14.36 -16.75 14.58
CA GLU A 96 -14.69 -17.24 15.89
CA GLU A 96 -14.67 -17.17 15.94
C GLU A 96 -13.92 -16.41 16.91
C GLU A 96 -13.90 -16.43 17.04
N ILE A 97 -12.91 -15.67 16.47
N ILE A 97 -13.05 -15.47 16.68
CA ILE A 97 -12.30 -14.69 17.36
CA ILE A 97 -12.16 -14.82 17.64
C ILE A 97 -13.22 -13.48 17.38
C ILE A 97 -12.84 -13.72 18.50
N LYS A 98 -13.64 -13.09 18.57
N LYS A 98 -13.89 -13.12 17.96
CA LYS A 98 -14.67 -12.05 18.70
CA LYS A 98 -14.70 -12.07 18.62
C LYS A 98 -14.07 -10.65 18.69
C LYS A 98 -14.06 -10.69 18.88
N ILE A 99 -12.75 -10.56 18.70
CA ILE A 99 -12.11 -9.24 18.69
C ILE A 99 -12.41 -8.57 17.36
N THR A 100 -12.75 -7.29 17.41
CA THR A 100 -13.12 -6.54 16.23
C THR A 100 -12.16 -5.39 15.90
N ASN A 101 -11.33 -5.03 16.87
CA ASN A 101 -10.44 -3.89 16.79
C ASN A 101 -9.09 -4.20 17.39
N ILE A 102 -8.05 -3.54 16.87
CA ILE A 102 -6.72 -3.71 17.41
C ILE A 102 -5.97 -2.41 17.19
N THR A 103 -5.10 -2.05 18.14
CA THR A 103 -4.23 -0.90 17.94
C THR A 103 -3.04 -1.31 17.06
N GLU A 104 -2.43 -0.34 16.41
CA GLU A 104 -1.23 -0.62 15.62
C GLU A 104 -0.15 -1.27 16.47
N GLU A 105 0.02 -0.78 17.69
CA GLU A 105 1.04 -1.32 18.57
C GLU A 105 0.82 -2.82 18.82
N ASN A 106 -0.42 -3.18 19.18
CA ASN A 106 -0.69 -4.58 19.46
C ASN A 106 -0.63 -5.44 18.20
N LEU A 107 -1.07 -4.88 17.08
CA LEU A 107 -0.98 -5.59 15.82
C LEU A 107 0.49 -5.91 15.47
N ALA A 108 1.36 -4.93 15.64
CA ALA A 108 2.77 -5.14 15.38
C ALA A 108 3.36 -6.20 16.29
N LYS A 109 2.90 -6.27 17.53
CA LYS A 109 3.36 -7.30 18.46
C LYS A 109 2.83 -8.69 18.10
N ILE A 110 1.66 -8.78 17.46
CA ILE A 110 1.22 -10.09 16.92
C ILE A 110 2.17 -10.47 15.77
N LEU A 111 2.45 -9.49 14.91
CA LEU A 111 3.25 -9.75 13.74
C LEU A 111 4.68 -10.16 14.05
N ASN A 112 5.25 -9.60 15.12
CA ASN A 112 6.61 -9.93 15.47
C ASN A 112 6.73 -11.03 16.53
N GLY A 113 5.61 -11.59 16.95
CA GLY A 113 5.64 -12.73 17.85
C GLY A 113 5.66 -12.42 19.33
N GLU A 114 5.65 -11.15 19.71
CA GLU A 114 5.57 -10.81 21.13
C GLU A 114 4.21 -11.13 21.73
N ILE A 115 3.18 -11.17 20.90
CA ILE A 115 1.84 -11.61 21.31
C ILE A 115 1.49 -12.84 20.52
N GLN A 116 1.25 -13.96 21.19
CA GLN A 116 0.95 -15.23 20.51
C GLN A 116 -0.30 -15.94 20.99
N ASN A 117 -1.04 -15.32 21.88
CA ASN A 117 -2.31 -15.89 22.31
C ASN A 117 -3.30 -14.74 22.40
N TRP A 118 -4.49 -14.91 21.85
CA TRP A 118 -5.48 -13.85 21.81
C TRP A 118 -5.81 -13.35 23.22
N LYS A 119 -5.63 -14.17 24.25
CA LYS A 119 -5.93 -13.78 25.64
C LYS A 119 -5.01 -12.65 26.10
N GLN A 120 -3.82 -12.54 25.50
CA GLN A 120 -2.88 -11.53 25.94
C GLN A 120 -3.39 -10.12 25.70
N VAL A 121 -4.31 -9.97 24.75
CA VAL A 121 -4.99 -8.71 24.50
C VAL A 121 -6.48 -8.78 24.89
N GLY A 122 -6.85 -9.72 25.74
CA GLY A 122 -8.20 -9.75 26.29
C GLY A 122 -9.17 -10.64 25.51
N GLY A 123 -8.66 -11.30 24.48
CA GLY A 123 -9.48 -12.19 23.68
C GLY A 123 -9.61 -13.57 24.31
N PRO A 124 -10.10 -14.54 23.54
CA PRO A 124 -10.21 -15.89 24.08
C PRO A 124 -8.84 -16.51 24.32
N ASP A 125 -8.80 -17.52 25.18
CA ASP A 125 -7.62 -18.34 25.37
C ASP A 125 -7.46 -19.23 24.16
N ALA A 126 -6.66 -18.75 23.22
CA ALA A 126 -6.44 -19.44 21.95
C ALA A 126 -5.14 -18.94 21.35
N LYS A 127 -4.27 -19.88 21.00
CA LYS A 127 -3.03 -19.54 20.34
C LYS A 127 -3.36 -18.85 19.01
N ILE A 128 -2.59 -17.83 18.65
CA ILE A 128 -2.78 -17.11 17.39
C ILE A 128 -2.06 -17.86 16.28
N ASN A 129 -2.80 -18.19 15.22
CA ASN A 129 -2.21 -18.70 14.00
C ASN A 129 -2.03 -17.54 13.03
N PHE A 130 -0.81 -17.06 12.95
CA PHE A 130 -0.45 -15.95 12.08
C PHE A 130 -0.15 -16.47 10.68
N ILE A 131 -0.87 -15.93 9.69
CA ILE A 131 -0.70 -16.28 8.28
C ILE A 131 0.06 -15.12 7.66
N ASN A 132 1.28 -15.38 7.20
CA ASN A 132 2.14 -14.37 6.61
C ASN A 132 2.23 -14.55 5.11
N ARG A 133 2.65 -13.50 4.43
CA ARG A 133 2.99 -13.58 3.02
C ARG A 133 4.46 -13.93 2.82
N ASP A 134 4.77 -14.40 1.62
CA ASP A 134 6.13 -14.71 1.23
C ASP A 134 6.98 -13.43 1.20
N SER A 135 8.25 -13.57 1.57
N SER A 135 8.25 -13.56 1.58
CA SER A 135 9.12 -12.42 1.78
CA SER A 135 9.08 -12.41 1.83
C SER A 135 9.44 -11.63 0.50
C SER A 135 9.44 -11.65 0.56
N SER A 136 9.19 -12.23 -0.65
N SER A 136 9.23 -12.26 -0.60
CA SER A 136 9.48 -11.55 -1.93
CA SER A 136 9.47 -11.57 -1.87
C SER A 136 8.30 -10.73 -2.43
C SER A 136 8.32 -10.64 -2.28
N SER A 137 7.21 -10.71 -1.67
N SER A 137 7.17 -10.75 -1.62
CA SER A 137 6.00 -10.03 -2.13
CA SER A 137 5.98 -10.03 -2.07
C SER A 137 5.96 -8.58 -1.67
C SER A 137 5.96 -8.56 -1.66
N GLY A 138 5.24 -7.76 -2.42
CA GLY A 138 5.06 -6.35 -2.09
C GLY A 138 4.30 -6.20 -0.78
N SER A 139 3.34 -7.08 -0.54
CA SER A 139 2.52 -6.98 0.66
C SER A 139 3.37 -7.16 1.91
N TYR A 140 4.25 -8.16 1.90
N TYR A 140 4.26 -8.15 1.87
N TYR A 140 4.26 -8.15 1.87
CA TYR A 140 5.18 -8.36 3.02
CA TYR A 140 5.19 -8.43 2.96
CA TYR A 140 5.15 -8.46 3.00
C TYR A 140 6.02 -7.11 3.24
C TYR A 140 6.03 -7.20 3.29
C TYR A 140 6.00 -7.26 3.40
N SER A 141 6.56 -6.56 2.17
N SER A 141 6.60 -6.58 2.26
N SER A 141 6.63 -6.62 2.42
CA SER A 141 7.38 -5.37 2.27
CA SER A 141 7.46 -5.42 2.46
CA SER A 141 7.50 -5.49 2.70
C SER A 141 6.61 -4.21 2.89
C SER A 141 6.67 -4.21 2.95
C SER A 141 6.71 -4.27 3.14
N SER A 142 5.36 -4.04 2.49
N SER A 142 5.41 -4.12 2.55
N SER A 142 5.52 -4.09 2.59
CA SER A 142 4.55 -2.94 2.99
CA SER A 142 4.56 -3.00 2.97
CA SER A 142 4.65 -3.00 3.00
C SER A 142 4.25 -3.09 4.47
C SER A 142 4.25 -3.10 4.45
C SER A 142 4.32 -3.11 4.48
N ILE A 143 3.93 -4.30 4.92
CA ILE A 143 3.61 -4.51 6.33
C ILE A 143 4.89 -4.35 7.16
N LYS A 144 6.01 -4.87 6.67
CA LYS A 144 7.26 -4.71 7.39
C LYS A 144 7.61 -3.22 7.54
N ASP A 145 7.44 -2.46 6.48
CA ASP A 145 7.82 -1.05 6.46
C ASP A 145 6.83 -0.18 7.25
N LEU A 146 5.54 -0.48 7.15
CA LEU A 146 4.52 0.38 7.75
C LEU A 146 4.30 0.08 9.22
N LEU A 147 4.51 -1.17 9.62
CA LEU A 147 4.24 -1.57 10.99
C LEU A 147 5.52 -1.92 11.73
N LEU A 148 6.20 -2.99 11.32
CA LEU A 148 7.31 -3.48 12.12
C LEU A 148 8.42 -2.46 12.27
N ASN A 149 8.83 -1.85 11.15
CA ASN A 149 9.96 -0.94 11.17
C ASN A 149 9.65 0.37 11.88
N LYS A 150 8.38 0.71 11.99
CA LYS A 150 7.98 1.95 12.67
C LYS A 150 7.72 1.74 14.15
N ILE A 151 7.20 0.57 14.52
CA ILE A 151 6.84 0.35 15.91
C ILE A 151 8.03 -0.05 16.76
N PHE A 152 8.95 -0.83 16.20
CA PHE A 152 10.06 -1.39 16.95
C PHE A 152 11.38 -0.68 16.67
N LYS A 153 12.19 -0.55 17.70
CA LYS A 153 13.42 0.23 17.61
C LYS A 153 14.54 -0.50 16.88
N THR A 154 14.66 -1.81 17.09
CA THR A 154 15.80 -2.57 16.58
C THR A 154 15.43 -3.49 15.44
N HIS A 155 16.41 -3.83 14.62
CA HIS A 155 16.19 -4.75 13.50
C HIS A 155 15.69 -6.10 13.99
N GLU A 156 16.28 -6.61 15.07
CA GLU A 156 15.88 -7.90 15.61
C GLU A 156 14.41 -7.91 16.05
N GLU A 157 13.94 -6.84 16.67
CA GLU A 157 12.54 -6.76 17.07
C GLU A 157 11.63 -6.59 15.87
N ALA A 158 12.11 -5.92 14.84
CA ALA A 158 11.29 -5.59 13.66
C ALA A 158 11.39 -6.71 12.63
N GLN A 159 11.23 -7.94 13.09
CA GLN A 159 11.20 -9.09 12.22
C GLN A 159 9.89 -9.84 12.47
N PHE A 160 9.37 -10.46 11.42
CA PHE A 160 8.15 -11.23 11.56
C PHE A 160 8.37 -12.47 12.42
N ARG A 161 7.34 -12.82 13.20
CA ARG A 161 7.25 -14.10 13.89
C ARG A 161 7.67 -15.18 12.91
N GLN A 162 8.62 -16.01 13.30
CA GLN A 162 9.28 -16.91 12.35
C GLN A 162 8.47 -18.15 12.01
N ASP A 163 7.52 -18.52 12.87
CA ASP A 163 6.68 -19.67 12.58
C ASP A 163 5.31 -19.28 12.02
N GLY A 164 5.26 -18.19 11.27
CA GLY A 164 4.05 -17.88 10.53
C GLY A 164 3.77 -18.90 9.42
N ILE A 165 2.49 -19.03 9.05
CA ILE A 165 2.07 -19.94 7.99
C ILE A 165 2.18 -19.11 6.71
N VAL A 166 3.10 -19.45 5.82
CA VAL A 166 3.43 -18.56 4.72
C VAL A 166 2.66 -18.93 3.46
N VAL A 167 1.98 -17.96 2.85
CA VAL A 167 1.26 -18.19 1.60
C VAL A 167 1.65 -17.14 0.55
N LYS A 168 1.33 -17.41 -0.71
CA LYS A 168 1.95 -16.69 -1.81
C LYS A 168 1.03 -15.79 -2.63
N SER A 169 -0.15 -15.51 -2.09
CA SER A 169 -1.09 -14.64 -2.77
C SER A 169 -2.14 -14.12 -1.80
N ASN A 170 -2.80 -13.03 -2.19
CA ASN A 170 -3.94 -12.51 -1.44
C ASN A 170 -5.06 -13.54 -1.34
N GLY A 171 -5.40 -14.18 -2.45
CA GLY A 171 -6.47 -15.16 -2.44
C GLY A 171 -6.18 -16.31 -1.49
N GLU A 172 -4.92 -16.74 -1.43
CA GLU A 172 -4.56 -17.79 -0.50
C GLU A 172 -4.59 -17.35 0.96
N VAL A 173 -4.30 -16.09 1.27
CA VAL A 173 -4.51 -15.63 2.65
C VAL A 173 -5.97 -15.84 3.04
N ILE A 174 -6.90 -15.48 2.18
CA ILE A 174 -8.31 -15.65 2.45
C ILE A 174 -8.65 -17.12 2.66
N GLU A 175 -8.21 -17.97 1.74
CA GLU A 175 -8.53 -19.39 1.88
C GLU A 175 -7.93 -19.98 3.14
N LYS A 176 -6.68 -19.66 3.42
CA LYS A 176 -6.01 -20.20 4.59
C LYS A 176 -6.69 -19.71 5.87
N THR A 177 -7.09 -18.45 5.92
CA THR A 177 -7.74 -17.90 7.11
C THR A 177 -9.06 -18.64 7.32
N SER A 178 -9.78 -18.92 6.24
CA SER A 178 -11.05 -19.62 6.33
C SER A 178 -10.91 -21.04 6.86
N LEU A 179 -9.72 -21.64 6.68
CA LEU A 179 -9.48 -23.02 7.09
C LEU A 179 -8.70 -23.15 8.38
N THR A 180 -8.13 -22.06 8.90
CA THR A 180 -7.22 -22.15 10.03
C THR A 180 -7.84 -21.49 11.24
N PRO A 181 -8.01 -22.24 12.34
CA PRO A 181 -8.70 -21.62 13.47
C PRO A 181 -7.86 -20.51 14.11
N HIS A 182 -8.56 -19.55 14.71
CA HIS A 182 -7.95 -18.47 15.47
C HIS A 182 -6.82 -17.77 14.73
N SER A 183 -7.06 -17.49 13.44
CA SER A 183 -6.04 -17.01 12.54
C SER A 183 -6.22 -15.56 12.16
N ILE A 184 -5.12 -14.97 11.72
CA ILE A 184 -5.07 -13.60 11.27
C ILE A 184 -4.08 -13.51 10.10
N GLY A 185 -4.45 -12.77 9.07
CA GLY A 185 -3.61 -12.50 7.92
C GLY A 185 -3.85 -11.12 7.37
N TYR A 186 -3.12 -10.74 6.33
CA TYR A 186 -3.31 -9.44 5.70
C TYR A 186 -3.41 -9.56 4.20
N ILE A 187 -4.26 -8.72 3.64
CA ILE A 187 -4.56 -8.69 2.21
C ILE A 187 -4.70 -7.27 1.72
N GLY A 188 -4.58 -7.09 0.41
CA GLY A 188 -4.87 -5.79 -0.17
C GLY A 188 -6.32 -5.43 -0.01
N LEU A 189 -6.57 -4.12 0.09
CA LEU A 189 -7.92 -3.60 0.23
C LEU A 189 -8.87 -4.11 -0.85
N GLY A 190 -8.37 -4.29 -2.07
CA GLY A 190 -9.19 -4.74 -3.18
C GLY A 190 -9.81 -6.10 -2.97
N TYR A 191 -9.30 -6.87 -2.01
CA TYR A 191 -9.79 -8.20 -1.71
C TYR A 191 -10.77 -8.22 -0.54
N ALA A 192 -11.18 -7.04 -0.06
CA ALA A 192 -12.13 -6.96 1.06
C ALA A 192 -13.42 -7.68 0.72
N LYS A 193 -13.99 -7.41 -0.45
CA LYS A 193 -15.25 -8.04 -0.81
C LYS A 193 -15.14 -9.58 -0.79
N ASN A 194 -14.04 -10.08 -1.34
N ASN A 194 -14.05 -10.10 -1.33
N ASN A 194 -14.05 -10.10 -1.35
CA ASN A 194 -13.77 -11.51 -1.38
CA ASN A 194 -13.86 -11.55 -1.33
CA ASN A 194 -13.84 -11.53 -1.38
C ASN A 194 -13.68 -12.11 0.02
C ASN A 194 -13.84 -12.11 0.09
C ASN A 194 -13.82 -12.11 0.04
N SER A 195 -13.11 -11.37 0.96
N SER A 195 -13.10 -11.43 0.97
N SER A 195 -13.12 -11.44 0.94
CA SER A 195 -12.97 -11.87 2.31
CA SER A 195 -13.02 -11.83 2.37
CA SER A 195 -13.06 -11.86 2.33
C SER A 195 -14.32 -11.93 3.04
C SER A 195 -14.41 -11.91 3.02
C SER A 195 -14.46 -11.95 2.95
N ILE A 196 -15.15 -10.94 2.77
N ILE A 196 -15.23 -10.91 2.75
N ILE A 196 -15.26 -10.91 2.74
CA ILE A 196 -16.50 -10.88 3.30
CA ILE A 196 -16.58 -10.84 3.30
CA ILE A 196 -16.60 -10.84 3.30
C ILE A 196 -17.36 -12.03 2.73
C ILE A 196 -17.48 -11.93 2.70
C ILE A 196 -17.51 -11.91 2.70
N GLU A 197 -17.31 -12.22 1.42
CA GLU A 197 -18.07 -13.29 0.77
C GLU A 197 -17.66 -14.66 1.30
N LYS A 198 -16.44 -14.75 1.83
CA LYS A 198 -15.91 -15.97 2.44
C LYS A 198 -16.28 -16.09 3.93
N GLY A 199 -16.91 -15.07 4.48
CA GLY A 199 -17.36 -15.10 5.86
C GLY A 199 -16.29 -14.75 6.89
N LEU A 200 -15.26 -14.03 6.47
CA LEU A 200 -14.20 -13.64 7.38
C LEU A 200 -14.50 -12.28 7.99
N ASN A 201 -13.68 -11.86 8.95
CA ASN A 201 -13.86 -10.56 9.59
C ASN A 201 -12.69 -9.64 9.32
N ILE A 202 -12.98 -8.41 8.89
CA ILE A 202 -11.96 -7.39 8.70
C ILE A 202 -11.86 -6.56 9.98
N LEU A 203 -10.66 -6.44 10.52
CA LEU A 203 -10.44 -5.69 11.74
C LEU A 203 -10.43 -4.19 11.49
N SER A 204 -10.96 -3.43 12.44
CA SER A 204 -10.59 -2.01 12.51
C SER A 204 -9.24 -1.90 13.18
N VAL A 205 -8.50 -0.85 12.79
CA VAL A 205 -7.17 -0.58 13.32
C VAL A 205 -7.22 0.81 13.95
N ASN A 206 -6.87 0.90 15.22
CA ASN A 206 -7.00 2.17 15.96
C ASN A 206 -8.43 2.68 15.84
N SER A 207 -9.40 1.77 15.98
CA SER A 207 -10.82 2.10 15.94
C SER A 207 -11.28 2.66 14.60
N THR A 208 -10.54 2.33 13.56
CA THR A 208 -10.81 2.87 12.23
C THR A 208 -10.93 1.74 11.21
N TYR A 209 -12.08 1.68 10.53
CA TYR A 209 -12.21 0.78 9.40
C TYR A 209 -11.61 1.39 8.17
N PRO A 210 -11.02 0.55 7.31
CA PRO A 210 -10.39 1.02 6.06
C PRO A 210 -11.46 1.29 5.00
N THR A 211 -11.68 2.57 4.73
CA THR A 211 -12.65 3.03 3.73
C THR A 211 -11.98 4.12 2.90
N LYS A 212 -12.56 4.49 1.77
CA LYS A 212 -11.96 5.54 0.98
C LYS A 212 -11.81 6.83 1.82
N GLU A 213 -12.78 7.14 2.67
CA GLU A 213 -12.72 8.36 3.47
C GLU A 213 -11.62 8.31 4.53
N THR A 214 -11.50 7.19 5.24
CA THR A 214 -10.51 7.11 6.32
C THR A 214 -9.11 6.95 5.77
N ILE A 215 -8.98 6.35 4.59
CA ILE A 215 -7.66 6.23 3.99
C ILE A 215 -7.23 7.61 3.46
N ASN A 216 -8.12 8.32 2.79
CA ASN A 216 -7.80 9.65 2.32
C ASN A 216 -7.46 10.63 3.44
N SER A 217 -8.13 10.50 4.58
N SER A 217 -8.11 10.49 4.60
CA SER A 217 -7.87 11.38 5.72
CA SER A 217 -7.83 11.39 5.72
C SER A 217 -6.60 11.01 6.46
C SER A 217 -6.61 10.97 6.54
N ASN A 218 -6.06 9.84 6.16
N ASN A 218 -6.04 9.82 6.21
CA ASN A 218 -4.92 9.25 6.86
CA ASN A 218 -4.91 9.22 6.94
C ASN A 218 -5.28 8.81 8.30
C ASN A 218 -5.27 8.69 8.34
N LYS A 219 -6.57 8.61 8.56
N LYS A 219 -6.57 8.66 8.66
CA LYS A 219 -7.01 8.06 9.83
CA LYS A 219 -7.02 8.03 9.90
C LYS A 219 -6.79 6.55 9.88
C LYS A 219 -6.82 6.51 9.90
N TYR A 220 -6.97 5.87 8.74
CA TYR A 220 -6.60 4.48 8.60
C TYR A 220 -5.16 4.43 8.19
N THR A 221 -4.36 3.73 8.99
CA THR A 221 -2.92 3.89 8.94
C THR A 221 -2.16 2.88 8.06
N ILE A 222 -2.80 1.78 7.68
CA ILE A 222 -2.10 0.69 7.00
C ILE A 222 -2.17 0.85 5.48
N LYS A 223 -1.39 1.78 4.96
CA LYS A 223 -1.35 2.00 3.52
C LYS A 223 -0.08 2.71 3.14
N ARG A 224 0.36 2.46 1.91
CA ARG A 224 1.37 3.29 1.27
C ARG A 224 0.67 4.40 0.50
N ASN A 225 1.23 5.58 0.61
CA ASN A 225 0.76 6.74 -0.14
C ASN A 225 1.58 6.86 -1.42
N LEU A 226 0.95 6.73 -2.57
CA LEU A 226 1.65 6.86 -3.85
C LEU A 226 1.70 8.33 -4.22
N ILE A 227 2.91 8.83 -4.41
CA ILE A 227 3.14 10.28 -4.51
C ILE A 227 3.86 10.63 -5.80
N ILE A 228 3.49 11.79 -6.31
CA ILE A 228 4.13 12.45 -7.43
C ILE A 228 5.15 13.41 -6.84
N VAL A 229 6.39 13.25 -7.25
CA VAL A 229 7.52 14.01 -6.71
C VAL A 229 8.15 14.84 -7.81
N THR A 230 8.33 16.13 -7.52
CA THR A 230 9.02 17.05 -8.41
C THR A 230 10.05 17.82 -7.64
N ASN A 231 10.93 18.54 -8.34
CA ASN A 231 12.02 19.24 -7.70
C ASN A 231 11.95 20.75 -7.95
N TYR A 234 9.13 26.03 -9.60
CA TYR A 234 8.28 26.19 -10.77
C TYR A 234 8.57 25.13 -11.83
N GLU A 235 7.55 24.36 -12.15
CA GLU A 235 7.69 23.29 -13.12
C GLU A 235 7.43 23.79 -14.53
N ASP A 236 8.01 23.09 -15.49
CA ASP A 236 7.63 23.24 -16.88
C ASP A 236 6.12 23.08 -16.99
N LYS A 237 5.50 23.82 -17.89
CA LYS A 237 4.08 23.68 -18.12
C LYS A 237 3.71 22.24 -18.49
N SER A 238 4.57 21.56 -19.25
CA SER A 238 4.27 20.21 -19.68
C SER A 238 4.14 19.28 -18.49
N VAL A 239 4.93 19.52 -17.46
CA VAL A 239 4.92 18.73 -16.23
C VAL A 239 3.64 19.07 -15.44
N THR A 240 3.35 20.35 -15.27
CA THR A 240 2.12 20.74 -14.59
C THR A 240 0.90 20.15 -15.26
N GLN A 241 0.86 20.16 -16.58
CA GLN A 241 -0.27 19.59 -17.29
C GLN A 241 -0.44 18.10 -17.02
N PHE A 242 0.64 17.35 -17.07
CA PHE A 242 0.50 15.92 -16.87
C PHE A 242 0.08 15.60 -15.43
N ILE A 243 0.66 16.29 -14.45
CA ILE A 243 0.28 16.10 -13.06
C ILE A 243 -1.19 16.44 -12.84
N ASP A 244 -1.64 17.51 -13.48
CA ASP A 244 -3.05 17.88 -13.41
C ASP A 244 -3.95 16.77 -13.98
N PHE A 245 -3.49 16.07 -15.01
CA PHE A 245 -4.24 14.93 -15.52
C PHE A 245 -4.23 13.77 -14.53
N MET A 246 -3.10 13.49 -13.91
CA MET A 246 -2.97 12.39 -12.95
C MET A 246 -3.97 12.51 -11.81
N THR A 247 -4.22 13.75 -11.37
CA THR A 247 -5.07 14.02 -10.23
C THR A 247 -6.50 14.41 -10.65
N SER A 248 -6.82 14.29 -11.94
N SER A 248 -6.79 14.33 -11.95
CA SER A 248 -8.15 14.62 -12.45
CA SER A 248 -8.12 14.58 -12.50
C SER A 248 -9.13 13.46 -12.28
C SER A 248 -9.02 13.36 -12.29
N SER A 249 -10.40 13.69 -12.58
N SER A 249 -10.32 13.55 -12.44
CA SER A 249 -11.40 12.64 -12.51
CA SER A 249 -11.25 12.44 -12.30
C SER A 249 -10.98 11.40 -13.31
C SER A 249 -10.93 11.26 -13.23
N THR A 250 -10.55 11.60 -14.56
N THR A 250 -10.57 11.53 -14.48
CA THR A 250 -10.17 10.48 -15.41
CA THR A 250 -10.17 10.46 -15.39
C THR A 250 -8.93 9.76 -14.87
C THR A 250 -8.92 9.75 -14.88
N GLY A 251 -7.91 10.51 -14.47
CA GLY A 251 -6.70 9.94 -13.87
C GLY A 251 -7.05 9.03 -12.70
N GLN A 252 -7.97 9.49 -11.86
CA GLN A 252 -8.32 8.75 -10.67
C GLN A 252 -9.17 7.53 -11.01
N ASP A 253 -9.98 7.63 -12.06
CA ASP A 253 -10.69 6.44 -12.53
C ASP A 253 -9.70 5.36 -12.98
N ILE A 254 -8.62 5.77 -13.65
CA ILE A 254 -7.60 4.82 -14.06
C ILE A 254 -6.99 4.12 -12.84
N VAL A 255 -6.66 4.91 -11.81
CA VAL A 255 -6.10 4.36 -10.56
C VAL A 255 -7.02 3.26 -10.02
N GLU A 256 -8.31 3.54 -9.96
CA GLU A 256 -9.24 2.58 -9.36
C GLU A 256 -9.54 1.40 -10.27
N GLU A 257 -9.57 1.62 -11.58
CA GLU A 257 -9.75 0.53 -12.52
C GLU A 257 -8.60 -0.47 -12.45
N GLN A 258 -7.46 -0.04 -11.93
CA GLN A 258 -6.30 -0.90 -11.81
C GLN A 258 -6.05 -1.35 -10.40
N GLY A 259 -7.06 -1.22 -9.55
CA GLY A 259 -7.03 -1.89 -8.26
C GLY A 259 -6.52 -1.09 -7.09
N PHE A 260 -6.17 0.17 -7.31
CA PHE A 260 -5.68 1.02 -6.22
C PHE A 260 -6.84 1.91 -5.79
N LEU A 261 -6.61 2.71 -4.76
CA LEU A 261 -7.62 3.62 -4.24
C LEU A 261 -7.26 5.04 -4.63
N GLY A 262 -8.23 5.81 -5.09
CA GLY A 262 -8.00 7.17 -5.53
C GLY A 262 -8.14 8.22 -4.44
N ILE A 263 -7.77 9.45 -4.78
CA ILE A 263 -7.90 10.60 -3.91
C ILE A 263 -9.20 11.34 -4.22
N LYS A 264 -9.53 12.34 -3.44
CA LYS A 264 -10.63 13.23 -3.79
C LYS A 264 -10.22 14.27 -4.85
N THR A 265 -11.14 14.60 -5.76
CA THR A 265 -10.86 15.59 -6.80
C THR A 265 -11.88 16.73 -6.80
S SO4 B . 1.45 -9.00 -3.75
O1 SO4 B . 0.34 -9.15 -2.81
O2 SO4 B . 0.88 -8.41 -4.94
O3 SO4 B . 2.41 -8.11 -3.15
O4 SO4 B . 1.97 -10.33 -3.99
S SO4 C . -0.37 -19.82 -2.88
O1 SO4 C . 0.13 -19.87 -1.49
O2 SO4 C . -1.57 -20.61 -3.00
O3 SO4 C . -0.72 -18.46 -3.29
O4 SO4 C . 0.65 -20.39 -3.78
S SO4 D . 9.00 0.34 -5.20
O1 SO4 D . 9.21 0.05 -6.60
O2 SO4 D . 9.20 -0.92 -4.45
O3 SO4 D . 9.85 1.41 -4.68
O4 SO4 D . 7.65 0.80 -4.97
S SO4 E . -10.90 11.49 14.47
O1 SO4 E . -9.71 10.65 14.63
O2 SO4 E . -11.01 11.89 13.07
O3 SO4 E . -12.06 10.71 14.87
O4 SO4 E . -10.74 12.70 15.28
C1 EDO F . 8.49 -15.50 8.27
O1 EDO F . 8.28 -14.27 7.58
C2 EDO F . 7.19 -16.25 8.52
O2 EDO F . 6.26 -15.45 9.27
H11 EDO F . 8.98 -15.31 9.22
H12 EDO F . 9.17 -16.13 7.68
HO1 EDO F . 9.14 -13.83 7.44
H21 EDO F . 7.39 -17.17 9.06
H22 EDO F . 6.73 -16.52 7.56
HO2 EDO F . 5.45 -15.94 9.41
#